data_3OS5
#
_entry.id   3OS5
#
_cell.length_a   101.359
_cell.length_b   38.535
_cell.length_c   66.541
_cell.angle_alpha   90.00
_cell.angle_beta   90.00
_cell.angle_gamma   90.00
#
_symmetry.space_group_name_H-M   'P 21 21 2'
#
loop_
_entity.id
_entity.type
_entity.pdbx_description
1 polymer 'Histone-lysine N-methyltransferase SETD7'
2 polymer Dnmt1
3 non-polymer BETA-MERCAPTOETHANOL
4 non-polymer 1,2-ETHANEDIOL
5 non-polymer 'UNKNOWN LIGAND'
6 non-polymer S-ADENOSYL-L-HOMOCYSTEINE
7 water water
#
loop_
_entity_poly.entity_id
_entity_poly.type
_entity_poly.pdbx_seq_one_letter_code
_entity_poly.pdbx_strand_id
1 'polypeptide(L)'
;KDNIRHGVCWIYYPDGGSLVGEVNEDGEMTGEKIAYVYPDERTALYGKFIDGEMIEGKLATLMSTEEGRPHFELMPGNSV
YHFDKSTSSCISTNALLPDPYESERVYVAESLISSAGEGLFSKVAVGPNTVMSFYNGVRITHQEVDSRDWALNGNTLSLD
EETVIDVPEPYNHVSKYCASLGHKANHSFTPNCIYDMFVHPRFGPIKCIRTLRAVEADEELTVAYGYDHSPPGKSGPEAP
EWYQVELKAFQATQQK
;
A
2 'polypeptide(L)' TPRRS(MLZ)SA B
#
# COMPACT_ATOMS: atom_id res chain seq x y z
N HIS A 6 34.23 9.22 -0.50
CA HIS A 6 32.81 9.56 -0.20
C HIS A 6 32.12 8.39 0.50
N GLY A 7 31.36 8.70 1.54
CA GLY A 7 30.65 7.67 2.29
C GLY A 7 29.19 7.54 1.88
N VAL A 8 28.63 6.36 2.05
CA VAL A 8 27.25 6.10 1.68
C VAL A 8 26.43 5.67 2.90
N CYS A 9 25.22 6.18 3.00
N CYS A 9 25.22 6.19 3.00
CA CYS A 9 24.33 5.86 4.10
CA CYS A 9 24.33 5.85 4.10
C CYS A 9 23.10 5.12 3.61
C CYS A 9 23.11 5.10 3.59
N TRP A 10 22.65 4.13 4.37
CA TRP A 10 21.46 3.35 4.02
C TRP A 10 20.52 3.54 5.20
N ILE A 11 19.30 3.98 4.92
CA ILE A 11 18.32 4.17 5.96
C ILE A 11 17.17 3.21 5.67
N TYR A 12 17.04 2.16 6.47
CA TYR A 12 15.97 1.18 6.29
C TYR A 12 14.78 1.51 7.15
N TYR A 13 13.59 1.42 6.55
CA TYR A 13 12.37 1.65 7.30
C TYR A 13 11.96 0.30 7.85
N PRO A 14 11.12 0.28 8.90
CA PRO A 14 10.70 -0.99 9.47
C PRO A 14 10.00 -1.87 8.43
N ASP A 15 9.42 -1.24 7.40
CA ASP A 15 8.71 -2.00 6.38
C ASP A 15 9.61 -2.72 5.37
N GLY A 16 10.92 -2.48 5.44
CA GLY A 16 11.83 -3.16 4.51
C GLY A 16 12.38 -2.27 3.41
N GLY A 17 11.69 -1.17 3.15
CA GLY A 17 12.16 -0.24 2.12
C GLY A 17 13.34 0.54 2.66
N SER A 18 14.06 1.24 1.79
CA SER A 18 15.22 2.00 2.25
C SER A 18 15.59 3.15 1.34
N LEU A 19 16.36 4.09 1.89
CA LEU A 19 16.87 5.24 1.15
C LEU A 19 18.38 5.05 1.18
N VAL A 20 19.05 5.29 0.06
CA VAL A 20 20.50 5.12 0.04
C VAL A 20 21.15 6.20 -0.82
N GLY A 21 22.33 6.63 -0.39
CA GLY A 21 23.05 7.64 -1.14
C GLY A 21 24.03 8.39 -0.25
N GLU A 22 24.77 9.31 -0.84
N GLU A 22 24.77 9.31 -0.84
CA GLU A 22 25.73 10.11 -0.08
CA GLU A 22 25.74 10.12 -0.09
C GLU A 22 25.01 11.34 0.45
C GLU A 22 25.05 11.37 0.43
N VAL A 23 25.33 11.72 1.69
CA VAL A 23 24.72 12.89 2.30
C VAL A 23 25.62 14.11 2.15
N ASN A 24 25.02 15.29 2.12
CA ASN A 24 25.78 16.52 1.98
C ASN A 24 26.35 16.97 3.33
N GLU A 25 26.88 18.19 3.37
CA GLU A 25 27.47 18.74 4.59
C GLU A 25 26.50 18.64 5.75
N ASP A 26 25.24 18.99 5.51
CA ASP A 26 24.22 18.94 6.55
C ASP A 26 23.79 17.50 6.84
N GLY A 27 24.50 16.54 6.25
CA GLY A 27 24.18 15.15 6.47
C GLY A 27 22.76 14.83 6.04
N GLU A 28 22.37 15.34 4.88
CA GLU A 28 21.03 15.11 4.35
C GLU A 28 21.06 14.36 3.02
N MET A 29 20.07 13.50 2.81
CA MET A 29 19.96 12.73 1.57
C MET A 29 19.54 13.66 0.44
N THR A 30 20.46 14.49 -0.03
CA THR A 30 20.16 15.42 -1.11
C THR A 30 21.13 15.30 -2.28
N GLY A 31 20.58 15.16 -3.49
CA GLY A 31 21.42 15.03 -4.67
C GLY A 31 20.66 14.45 -5.84
N GLU A 32 21.38 14.21 -6.94
CA GLU A 32 20.78 13.66 -8.15
C GLU A 32 21.04 12.16 -8.25
N LYS A 33 21.77 11.62 -7.28
N LYS A 33 21.79 11.65 -7.27
CA LYS A 33 22.09 10.19 -7.30
CA LYS A 33 22.18 10.25 -7.20
C LYS A 33 21.60 9.45 -6.06
C LYS A 33 21.68 9.54 -5.96
N ILE A 34 20.45 9.86 -5.54
CA ILE A 34 19.86 9.24 -4.36
C ILE A 34 18.85 8.22 -4.83
N ALA A 35 18.57 7.20 -4.03
CA ALA A 35 17.60 6.21 -4.46
C ALA A 35 16.78 5.63 -3.32
N TYR A 36 15.54 5.27 -3.65
CA TYR A 36 14.66 4.62 -2.70
C TYR A 36 14.68 3.18 -3.22
N VAL A 37 14.90 2.21 -2.34
CA VAL A 37 14.90 0.83 -2.77
C VAL A 37 13.72 0.13 -2.09
N TYR A 38 12.88 -0.53 -2.89
CA TYR A 38 11.70 -1.23 -2.37
C TYR A 38 12.12 -2.43 -1.51
N PRO A 39 11.16 -3.05 -0.82
CA PRO A 39 11.41 -4.21 0.05
C PRO A 39 12.06 -5.42 -0.61
N ASP A 40 12.03 -5.51 -1.94
CA ASP A 40 12.65 -6.64 -2.62
C ASP A 40 14.15 -6.42 -2.78
N GLU A 41 14.60 -5.25 -2.35
CA GLU A 41 16.02 -4.89 -2.44
C GLU A 41 16.55 -5.04 -3.86
N ARG A 42 15.67 -4.82 -4.84
CA ARG A 42 16.02 -4.92 -6.25
C ARG A 42 15.39 -3.77 -7.03
N THR A 43 14.09 -3.56 -6.83
CA THR A 43 13.39 -2.49 -7.54
C THR A 43 13.71 -1.16 -6.85
N ALA A 44 14.02 -0.14 -7.65
CA ALA A 44 14.36 1.14 -7.07
C ALA A 44 13.97 2.35 -7.92
N LEU A 45 13.89 3.49 -7.25
CA LEU A 45 13.57 4.77 -7.89
C LEU A 45 14.83 5.60 -7.67
N TYR A 46 15.57 5.78 -8.76
CA TYR A 46 16.85 6.49 -8.73
C TYR A 46 16.80 7.88 -9.34
N GLY A 47 17.33 8.87 -8.62
CA GLY A 47 17.34 10.21 -9.15
C GLY A 47 17.54 11.33 -8.16
N LYS A 48 16.77 12.39 -8.35
CA LYS A 48 16.87 13.56 -7.49
C LYS A 48 16.00 13.48 -6.26
N PHE A 49 16.62 13.71 -5.10
CA PHE A 49 15.94 13.72 -3.81
C PHE A 49 16.49 14.90 -3.03
N ILE A 50 15.68 15.42 -2.11
CA ILE A 50 16.11 16.53 -1.26
C ILE A 50 15.77 16.14 0.18
N ASP A 51 16.81 15.94 0.98
CA ASP A 51 16.65 15.55 2.37
C ASP A 51 15.81 14.27 2.47
N GLY A 52 16.01 13.36 1.52
CA GLY A 52 15.29 12.11 1.53
C GLY A 52 13.95 12.11 0.81
N GLU A 53 13.50 13.28 0.36
CA GLU A 53 12.22 13.38 -0.33
C GLU A 53 12.43 13.30 -1.85
N MET A 54 11.66 12.44 -2.50
CA MET A 54 11.81 12.22 -3.93
C MET A 54 11.29 13.36 -4.82
N ILE A 55 12.18 13.91 -5.65
CA ILE A 55 11.84 14.99 -6.55
C ILE A 55 11.58 14.43 -7.95
N GLU A 56 12.52 13.59 -8.41
CA GLU A 56 12.41 12.96 -9.71
C GLU A 56 13.14 11.61 -9.66
N GLY A 57 12.36 10.55 -9.51
CA GLY A 57 12.94 9.22 -9.44
C GLY A 57 12.61 8.40 -10.66
N LYS A 58 13.61 7.73 -11.22
CA LYS A 58 13.41 6.90 -12.39
C LYS A 58 13.53 5.44 -11.99
N LEU A 59 12.69 4.59 -12.59
CA LEU A 59 12.71 3.18 -12.29
C LEU A 59 14.07 2.61 -12.62
N ALA A 60 14.64 1.87 -11.68
CA ALA A 60 15.94 1.27 -11.86
C ALA A 60 16.01 -0.06 -11.12
N THR A 61 17.11 -0.78 -11.33
CA THR A 61 17.31 -2.06 -10.69
C THR A 61 18.63 -2.02 -9.91
N LEU A 62 18.60 -2.40 -8.64
CA LEU A 62 19.82 -2.44 -7.84
C LEU A 62 20.51 -3.71 -8.31
N MET A 63 21.57 -3.55 -9.09
CA MET A 63 22.31 -4.68 -9.65
C MET A 63 23.21 -5.38 -8.65
N SER A 64 23.90 -4.59 -7.84
CA SER A 64 24.80 -5.14 -6.84
C SER A 64 25.23 -4.03 -5.90
N THR A 65 25.92 -4.42 -4.82
CA THR A 65 26.41 -3.47 -3.85
C THR A 65 27.81 -3.90 -3.46
N GLU A 66 28.74 -2.96 -3.44
CA GLU A 66 30.13 -3.25 -3.08
C GLU A 66 30.53 -2.35 -1.93
N GLU A 67 30.75 -2.95 -0.77
CA GLU A 67 31.13 -2.20 0.43
C GLU A 67 30.10 -1.11 0.70
N GLY A 68 28.82 -1.47 0.59
CA GLY A 68 27.76 -0.51 0.83
C GLY A 68 27.46 0.43 -0.33
N ARG A 69 28.29 0.39 -1.37
CA ARG A 69 28.08 1.25 -2.54
C ARG A 69 27.20 0.53 -3.56
N PRO A 70 25.99 1.06 -3.80
CA PRO A 70 25.06 0.44 -4.75
C PRO A 70 25.33 0.75 -6.22
N HIS A 71 25.06 -0.23 -7.07
CA HIS A 71 25.20 -0.04 -8.51
C HIS A 71 23.80 -0.23 -9.11
N PHE A 72 23.28 0.83 -9.71
CA PHE A 72 21.95 0.77 -10.32
C PHE A 72 22.01 0.79 -11.84
N GLU A 73 21.00 0.21 -12.46
CA GLU A 73 20.87 0.17 -13.90
C GLU A 73 19.47 0.70 -14.19
N LEU A 74 19.38 1.77 -14.97
CA LEU A 74 18.09 2.37 -15.29
C LEU A 74 17.27 1.47 -16.20
N MET A 75 15.97 1.41 -15.92
CA MET A 75 15.07 0.62 -16.73
C MET A 75 14.68 1.42 -17.96
N PRO A 76 14.39 0.74 -19.08
CA PRO A 76 14.00 1.48 -20.28
C PRO A 76 12.65 2.14 -20.01
N GLY A 77 12.45 3.35 -20.52
CA GLY A 77 11.18 4.03 -20.30
C GLY A 77 11.32 5.50 -19.95
N ASN A 78 10.19 6.19 -19.94
CA ASN A 78 10.18 7.62 -19.63
C ASN A 78 9.44 7.95 -18.34
N SER A 79 8.69 6.99 -17.81
CA SER A 79 7.95 7.21 -16.57
C SER A 79 8.85 7.76 -15.47
N VAL A 80 8.36 8.80 -14.81
CA VAL A 80 9.10 9.44 -13.72
C VAL A 80 8.19 9.50 -12.52
N TYR A 81 8.76 9.41 -11.31
CA TYR A 81 7.96 9.47 -10.10
C TYR A 81 8.47 10.55 -9.15
N HIS A 82 7.57 11.07 -8.33
CA HIS A 82 7.93 12.10 -7.37
C HIS A 82 7.00 12.04 -6.17
N PHE A 83 7.44 12.63 -5.05
CA PHE A 83 6.65 12.68 -3.83
C PHE A 83 5.31 13.31 -4.24
N ASP A 84 4.22 12.63 -3.92
CA ASP A 84 2.90 13.08 -4.32
C ASP A 84 1.87 12.72 -3.26
N LYS A 85 2.13 13.07 -2.00
CA LYS A 85 1.22 12.75 -0.90
C LYS A 85 -0.17 13.32 -1.12
N SER A 86 -1.17 12.47 -0.93
CA SER A 86 -2.57 12.87 -1.11
C SER A 86 -3.05 13.86 -0.07
N THR A 87 -4.19 14.48 -0.36
CA THR A 87 -4.83 15.42 0.57
C THR A 87 -6.23 14.90 0.78
N SER A 88 -7.09 15.68 1.41
CA SER A 88 -8.46 15.24 1.63
C SER A 88 -9.25 15.21 0.33
N SER A 89 -8.76 15.91 -0.69
CA SER A 89 -9.47 15.96 -1.97
C SER A 89 -8.71 15.46 -3.19
N CYS A 90 -7.38 15.42 -3.11
CA CYS A 90 -6.57 14.96 -4.24
C CYS A 90 -5.98 13.59 -3.90
N ILE A 91 -6.24 12.59 -4.74
CA ILE A 91 -5.72 11.26 -4.47
C ILE A 91 -4.35 11.05 -5.11
N SER A 92 -4.10 11.74 -6.21
CA SER A 92 -2.83 11.61 -6.93
C SER A 92 -2.77 12.60 -8.10
N THR A 93 -1.55 13.00 -8.46
CA THR A 93 -1.33 13.93 -9.57
C THR A 93 -1.40 13.14 -10.89
N ASN A 94 -1.12 11.83 -10.78
N ASN A 94 -1.14 11.84 -10.80
CA ASN A 94 -1.15 10.94 -11.93
CA ASN A 94 -1.20 10.98 -11.98
C ASN A 94 -1.85 9.65 -11.53
C ASN A 94 -1.86 9.66 -11.59
N ALA A 95 -3.17 9.69 -11.46
CA ALA A 95 -3.96 8.53 -11.06
C ALA A 95 -3.76 7.27 -11.89
N LEU A 96 -3.37 7.43 -13.15
CA LEU A 96 -3.19 6.27 -14.02
C LEU A 96 -1.76 5.74 -14.16
N LEU A 97 -0.84 6.30 -13.38
CA LEU A 97 0.56 5.85 -13.40
C LEU A 97 0.68 4.80 -12.30
N PRO A 98 0.79 3.52 -12.67
CA PRO A 98 0.90 2.47 -11.64
C PRO A 98 2.23 2.46 -10.88
N ASP A 99 2.22 1.79 -9.72
CA ASP A 99 3.45 1.68 -8.94
C ASP A 99 4.15 0.49 -9.58
N PRO A 100 5.44 0.65 -9.94
CA PRO A 100 6.26 -0.39 -10.57
C PRO A 100 6.48 -1.67 -9.77
N TYR A 101 6.60 -1.54 -8.46
CA TYR A 101 6.81 -2.70 -7.57
C TYR A 101 5.50 -3.49 -7.50
N GLU A 102 4.40 -2.78 -7.27
CA GLU A 102 3.08 -3.40 -7.19
C GLU A 102 2.69 -4.05 -8.51
N SER A 103 2.96 -3.36 -9.61
CA SER A 103 2.59 -3.87 -10.92
C SER A 103 3.20 -5.23 -11.24
N GLU A 104 4.34 -5.57 -10.62
CA GLU A 104 4.97 -6.86 -10.88
C GLU A 104 4.50 -7.94 -9.92
N ARG A 105 3.67 -7.56 -8.94
CA ARG A 105 3.22 -8.54 -7.96
C ARG A 105 1.74 -8.84 -7.85
N VAL A 106 0.89 -7.93 -8.29
CA VAL A 106 -0.55 -8.18 -8.20
C VAL A 106 -1.32 -7.70 -9.42
N TYR A 107 -2.52 -8.25 -9.59
CA TYR A 107 -3.41 -7.85 -10.67
C TYR A 107 -4.85 -7.97 -10.18
N VAL A 108 -5.74 -7.25 -10.84
CA VAL A 108 -7.16 -7.28 -10.47
C VAL A 108 -7.92 -8.16 -11.45
N ALA A 109 -8.87 -8.91 -10.94
CA ALA A 109 -9.71 -9.78 -11.76
C ALA A 109 -10.96 -10.10 -10.97
N GLU A 110 -11.88 -10.84 -11.55
CA GLU A 110 -13.10 -11.18 -10.85
C GLU A 110 -12.72 -12.00 -9.62
N SER A 111 -13.27 -11.64 -8.47
CA SER A 111 -12.97 -12.36 -7.24
C SER A 111 -13.53 -13.78 -7.27
N LEU A 112 -12.89 -14.68 -6.54
CA LEU A 112 -13.35 -16.07 -6.47
C LEU A 112 -14.47 -16.15 -5.45
N ILE A 113 -14.67 -15.06 -4.72
CA ILE A 113 -15.72 -14.98 -3.71
C ILE A 113 -17.01 -14.56 -4.40
N SER A 114 -18.02 -15.41 -4.34
CA SER A 114 -19.31 -15.13 -4.97
C SER A 114 -19.86 -13.74 -4.64
N SER A 115 -20.27 -13.02 -5.69
CA SER A 115 -20.86 -11.70 -5.55
C SER A 115 -20.00 -10.68 -4.82
N ALA A 116 -18.68 -10.83 -4.88
CA ALA A 116 -17.78 -9.91 -4.21
C ALA A 116 -17.13 -8.94 -5.18
N GLY A 117 -17.60 -8.91 -6.43
CA GLY A 117 -17.03 -8.02 -7.42
C GLY A 117 -15.62 -8.41 -7.83
N GLU A 118 -14.74 -7.43 -7.95
CA GLU A 118 -13.36 -7.70 -8.33
C GLU A 118 -12.52 -8.03 -7.09
N GLY A 119 -11.37 -8.64 -7.33
CA GLY A 119 -10.48 -9.00 -6.25
C GLY A 119 -9.04 -8.74 -6.67
N LEU A 120 -8.13 -8.93 -5.74
CA LEU A 120 -6.71 -8.71 -5.97
C LEU A 120 -6.01 -10.07 -5.96
N PHE A 121 -5.21 -10.33 -6.99
CA PHE A 121 -4.53 -11.61 -7.12
C PHE A 121 -3.02 -11.46 -7.24
N SER A 122 -2.29 -12.45 -6.76
CA SER A 122 -0.83 -12.41 -6.85
C SER A 122 -0.35 -12.88 -8.22
N LYS A 123 0.70 -12.25 -8.72
CA LYS A 123 1.28 -12.63 -10.01
C LYS A 123 2.40 -13.62 -9.80
N VAL A 124 2.87 -13.75 -8.56
CA VAL A 124 4.00 -14.61 -8.26
C VAL A 124 3.91 -15.38 -6.97
N ALA A 125 4.71 -16.44 -6.86
CA ALA A 125 4.74 -17.22 -5.65
C ALA A 125 5.75 -16.50 -4.75
N VAL A 126 5.32 -16.17 -3.53
CA VAL A 126 6.21 -15.50 -2.60
C VAL A 126 6.07 -16.12 -1.22
N GLY A 127 7.03 -15.84 -0.35
CA GLY A 127 7.00 -16.38 1.00
C GLY A 127 6.29 -15.47 1.98
N PRO A 128 6.31 -15.82 3.26
CA PRO A 128 5.67 -15.02 4.32
C PRO A 128 6.26 -13.62 4.45
N ASN A 129 5.45 -12.70 4.96
N ASN A 129 5.47 -12.69 4.97
CA ASN A 129 5.83 -11.32 5.20
CA ASN A 129 5.92 -11.32 5.21
C ASN A 129 6.27 -10.53 3.98
C ASN A 129 6.33 -10.56 3.95
N THR A 130 5.68 -10.83 2.83
CA THR A 130 6.04 -10.12 1.60
C THR A 130 5.06 -9.00 1.30
N VAL A 131 5.60 -7.80 1.06
CA VAL A 131 4.76 -6.65 0.72
C VAL A 131 4.30 -6.85 -0.73
N MET A 132 3.00 -6.80 -0.95
CA MET A 132 2.45 -7.06 -2.27
C MET A 132 1.76 -5.88 -2.94
N SER A 133 1.09 -5.06 -2.15
CA SER A 133 0.33 -3.97 -2.71
C SER A 133 0.30 -2.79 -1.75
N PHE A 134 -0.08 -1.62 -2.26
CA PHE A 134 -0.15 -0.42 -1.44
C PHE A 134 -1.56 0.11 -1.36
N TYR A 135 -1.91 0.64 -0.19
CA TYR A 135 -3.23 1.19 0.01
C TYR A 135 -3.14 2.70 0.18
N ASN A 136 -3.10 3.40 -0.94
CA ASN A 136 -3.07 4.85 -0.94
C ASN A 136 -4.50 5.33 -1.14
N GLY A 137 -4.75 6.60 -0.84
CA GLY A 137 -6.08 7.15 -1.03
C GLY A 137 -6.10 8.54 -0.43
N VAL A 138 -7.25 9.21 -0.47
CA VAL A 138 -7.36 10.54 0.12
C VAL A 138 -7.33 10.39 1.62
N ARG A 139 -6.96 11.47 2.32
CA ARG A 139 -6.87 11.47 3.76
C ARG A 139 -7.97 12.30 4.39
N ILE A 140 -8.80 11.66 5.20
CA ILE A 140 -9.92 12.32 5.86
C ILE A 140 -9.96 11.93 7.34
N THR A 141 -10.78 12.63 8.12
CA THR A 141 -10.87 12.37 9.55
C THR A 141 -11.78 11.20 9.93
N HIS A 142 -11.59 10.68 11.13
CA HIS A 142 -12.40 9.60 11.63
C HIS A 142 -13.80 10.10 11.88
N GLN A 143 -13.93 11.38 12.23
CA GLN A 143 -15.24 11.93 12.49
C GLN A 143 -16.05 11.96 11.19
N GLU A 144 -15.42 12.38 10.10
CA GLU A 144 -16.11 12.44 8.82
C GLU A 144 -16.59 11.05 8.39
N VAL A 145 -15.69 10.07 8.50
CA VAL A 145 -16.01 8.70 8.11
C VAL A 145 -17.08 8.07 9.00
N ASP A 146 -16.88 8.16 10.30
CA ASP A 146 -17.81 7.59 11.26
C ASP A 146 -19.16 8.30 11.28
N SER A 147 -19.22 9.49 10.71
CA SER A 147 -20.45 10.27 10.68
C SER A 147 -21.27 10.13 9.40
N ARG A 148 -20.83 9.26 8.49
CA ARG A 148 -21.57 9.08 7.24
C ARG A 148 -22.03 7.64 7.02
N ASP A 149 -22.95 7.47 6.08
CA ASP A 149 -23.51 6.15 5.75
C ASP A 149 -22.49 5.14 5.26
N TRP A 150 -22.69 3.88 5.62
CA TRP A 150 -21.80 2.79 5.22
C TRP A 150 -21.62 2.74 3.70
N ALA A 151 -22.63 3.18 2.97
CA ALA A 151 -22.58 3.17 1.52
C ALA A 151 -21.36 3.94 1.00
N LEU A 152 -20.86 4.88 1.79
CA LEU A 152 -19.72 5.69 1.39
C LEU A 152 -18.42 5.21 2.04
N ASN A 153 -18.51 4.18 2.87
CA ASN A 153 -17.32 3.68 3.57
C ASN A 153 -16.87 2.29 3.17
N GLY A 154 -17.06 1.94 1.90
CA GLY A 154 -16.64 0.62 1.46
C GLY A 154 -15.13 0.46 1.39
N ASN A 155 -14.43 1.57 1.11
CA ASN A 155 -12.96 1.54 0.98
C ASN A 155 -12.18 2.28 2.05
N THR A 156 -12.81 2.65 3.15
CA THR A 156 -12.10 3.36 4.20
C THR A 156 -11.22 2.44 5.05
N LEU A 157 -10.00 2.88 5.32
CA LEU A 157 -9.04 2.12 6.12
C LEU A 157 -8.35 3.09 7.07
N SER A 158 -8.39 2.79 8.36
CA SER A 158 -7.75 3.66 9.35
C SER A 158 -6.24 3.58 9.19
N LEU A 159 -5.60 4.75 9.10
CA LEU A 159 -4.14 4.82 8.99
C LEU A 159 -3.59 4.90 10.39
N ASP A 160 -4.22 5.74 11.22
CA ASP A 160 -3.82 5.92 12.61
C ASP A 160 -4.95 6.58 13.39
N GLU A 161 -4.63 7.14 14.56
CA GLU A 161 -5.64 7.76 15.40
C GLU A 161 -6.24 9.04 14.83
N GLU A 162 -5.54 9.69 13.89
CA GLU A 162 -6.06 10.93 13.34
C GLU A 162 -6.41 10.91 11.85
N THR A 163 -6.03 9.84 11.15
CA THR A 163 -6.29 9.80 9.71
C THR A 163 -6.89 8.49 9.18
N VAL A 164 -7.82 8.64 8.24
CA VAL A 164 -8.45 7.49 7.59
C VAL A 164 -8.15 7.64 6.11
N ILE A 165 -7.76 6.55 5.46
CA ILE A 165 -7.47 6.59 4.03
C ILE A 165 -8.70 6.08 3.29
N ASP A 166 -9.09 6.75 2.21
CA ASP A 166 -10.26 6.33 1.46
C ASP A 166 -10.01 6.39 -0.03
N VAL A 167 -10.75 5.57 -0.77
CA VAL A 167 -10.67 5.54 -2.23
C VAL A 167 -12.13 5.69 -2.68
N PRO A 168 -12.64 6.92 -2.64
CA PRO A 168 -14.01 7.24 -3.03
C PRO A 168 -14.29 7.17 -4.51
N GLU A 169 -15.57 7.05 -4.86
CA GLU A 169 -15.97 7.01 -6.26
C GLU A 169 -15.47 8.30 -6.89
N PRO A 170 -15.07 8.25 -8.17
CA PRO A 170 -15.08 7.06 -9.04
C PRO A 170 -13.70 6.39 -9.07
N TYR A 171 -12.85 6.75 -8.13
CA TYR A 171 -11.50 6.19 -8.08
C TYR A 171 -11.45 4.72 -7.72
N ASN A 172 -12.59 4.15 -7.34
CA ASN A 172 -12.66 2.73 -7.00
C ASN A 172 -12.68 1.89 -8.28
N HIS A 173 -12.62 2.56 -9.41
CA HIS A 173 -12.60 1.89 -10.72
C HIS A 173 -11.16 1.93 -11.24
N VAL A 174 -10.63 0.78 -11.62
CA VAL A 174 -9.27 0.72 -12.12
C VAL A 174 -9.07 1.58 -13.37
N SER A 175 -10.15 1.84 -14.10
CA SER A 175 -10.06 2.65 -15.30
C SER A 175 -9.85 4.13 -14.95
N LYS A 176 -10.14 4.49 -13.70
CA LYS A 176 -9.98 5.86 -13.23
C LYS A 176 -8.79 6.04 -12.30
N TYR A 177 -8.39 4.97 -11.63
CA TYR A 177 -7.27 5.04 -10.70
C TYR A 177 -6.60 3.69 -10.55
N CYS A 178 -5.30 3.63 -10.81
CA CYS A 178 -4.55 2.38 -10.66
C CYS A 178 -3.16 2.63 -10.11
N ALA A 179 -2.94 3.80 -9.52
CA ALA A 179 -1.65 4.15 -8.93
C ALA A 179 -1.30 3.16 -7.82
N SER A 180 -2.33 2.70 -7.11
CA SER A 180 -2.18 1.71 -6.04
C SER A 180 -3.41 0.82 -6.17
N LEU A 181 -3.34 -0.41 -5.62
CA LEU A 181 -4.46 -1.33 -5.76
C LEU A 181 -4.89 -2.03 -4.48
N GLY A 182 -4.37 -1.59 -3.35
CA GLY A 182 -4.70 -2.22 -2.08
C GLY A 182 -6.18 -2.30 -1.76
N HIS A 183 -6.94 -1.31 -2.24
CA HIS A 183 -8.38 -1.26 -1.99
C HIS A 183 -9.16 -2.33 -2.77
N LYS A 184 -8.47 -3.11 -3.60
CA LYS A 184 -9.13 -4.15 -4.37
C LYS A 184 -9.11 -5.52 -3.69
N ALA A 185 -8.42 -5.62 -2.56
CA ALA A 185 -8.34 -6.89 -1.84
C ALA A 185 -9.63 -7.09 -1.05
N ASN A 186 -10.26 -8.25 -1.24
CA ASN A 186 -11.49 -8.56 -0.53
C ASN A 186 -11.25 -9.09 0.88
N HIS A 187 -12.33 -9.17 1.64
CA HIS A 187 -12.28 -9.64 3.02
C HIS A 187 -12.40 -11.15 3.18
N SER A 188 -11.73 -11.67 4.20
CA SER A 188 -11.81 -13.08 4.53
C SER A 188 -11.50 -13.23 6.02
N PHE A 189 -12.22 -14.12 6.68
CA PHE A 189 -11.98 -14.36 8.10
C PHE A 189 -10.79 -15.30 8.25
N THR A 190 -10.31 -15.81 7.13
CA THR A 190 -9.13 -16.68 7.09
C THR A 190 -8.24 -16.05 6.01
N PRO A 191 -7.80 -14.80 6.25
CA PRO A 191 -6.95 -14.07 5.30
C PRO A 191 -5.55 -14.59 5.11
N ASN A 192 -4.95 -14.28 3.95
CA ASN A 192 -3.56 -14.66 3.73
C ASN A 192 -2.67 -13.43 3.81
N CYS A 193 -3.27 -12.26 4.05
CA CYS A 193 -2.52 -11.00 4.17
C CYS A 193 -3.04 -10.11 5.30
N ILE A 194 -2.27 -9.08 5.63
CA ILE A 194 -2.66 -8.10 6.63
C ILE A 194 -2.34 -6.71 6.09
N TYR A 195 -2.95 -5.69 6.68
CA TYR A 195 -2.67 -4.31 6.30
C TYR A 195 -1.52 -3.97 7.25
N ASP A 196 -0.48 -3.32 6.75
CA ASP A 196 0.67 -2.99 7.59
C ASP A 196 1.14 -1.58 7.25
N MET A 197 1.82 -0.93 8.19
N MET A 197 1.83 -0.92 8.19
CA MET A 197 2.31 0.42 7.95
CA MET A 197 2.33 0.42 7.98
C MET A 197 3.38 0.40 6.86
C MET A 197 3.39 0.41 6.88
N PHE A 198 3.45 1.47 6.08
CA PHE A 198 4.44 1.56 5.01
C PHE A 198 4.76 3.02 4.69
N VAL A 199 6.04 3.31 4.52
CA VAL A 199 6.46 4.67 4.17
C VAL A 199 6.87 4.62 2.70
N HIS A 200 6.03 5.18 1.85
CA HIS A 200 6.22 5.16 0.40
C HIS A 200 6.84 6.45 -0.13
N PRO A 201 7.82 6.34 -1.04
CA PRO A 201 8.49 7.52 -1.60
C PRO A 201 7.56 8.44 -2.40
N ARG A 202 6.51 7.86 -2.96
CA ARG A 202 5.54 8.62 -3.75
C ARG A 202 4.30 8.98 -2.93
N PHE A 203 3.71 7.98 -2.28
CA PHE A 203 2.49 8.17 -1.50
C PHE A 203 2.67 8.67 -0.07
N GLY A 204 3.90 8.59 0.45
CA GLY A 204 4.14 9.02 1.81
C GLY A 204 3.67 7.94 2.79
N PRO A 205 3.32 8.30 4.03
CA PRO A 205 2.86 7.31 5.01
C PRO A 205 1.48 6.75 4.65
N ILE A 206 1.44 5.46 4.40
CA ILE A 206 0.19 4.80 4.04
C ILE A 206 0.22 3.40 4.63
N LYS A 207 -0.63 2.53 4.12
CA LYS A 207 -0.61 1.14 4.57
C LYS A 207 -0.39 0.29 3.33
N CYS A 208 0.12 -0.92 3.55
CA CYS A 208 0.37 -1.83 2.46
C CYS A 208 -0.31 -3.15 2.79
N ILE A 209 -0.31 -4.05 1.81
CA ILE A 209 -0.86 -5.39 1.99
C ILE A 209 0.39 -6.27 2.04
N ARG A 210 0.54 -7.00 3.15
CA ARG A 210 1.70 -7.88 3.34
C ARG A 210 1.22 -9.30 3.60
N THR A 211 1.86 -10.29 2.98
CA THR A 211 1.42 -11.67 3.18
C THR A 211 1.74 -12.14 4.58
N LEU A 212 0.90 -13.04 5.09
CA LEU A 212 1.09 -13.63 6.41
C LEU A 212 1.85 -14.93 6.27
N ARG A 213 1.86 -15.47 5.05
CA ARG A 213 2.51 -16.74 4.80
C ARG A 213 2.80 -16.87 3.31
N ALA A 214 3.16 -18.06 2.89
CA ALA A 214 3.44 -18.30 1.49
C ALA A 214 2.17 -18.17 0.66
N VAL A 215 2.29 -17.57 -0.51
N VAL A 215 2.27 -17.58 -0.51
CA VAL A 215 1.17 -17.39 -1.42
CA VAL A 215 1.14 -17.42 -1.40
C VAL A 215 1.63 -17.86 -2.80
C VAL A 215 1.62 -17.86 -2.78
N GLU A 216 0.75 -18.50 -3.54
CA GLU A 216 1.10 -18.98 -4.86
C GLU A 216 0.70 -17.98 -5.93
N ALA A 217 1.27 -18.15 -7.12
CA ALA A 217 0.93 -17.28 -8.23
C ALA A 217 -0.55 -17.50 -8.52
N ASP A 218 -1.25 -16.41 -8.79
CA ASP A 218 -2.67 -16.43 -9.11
C ASP A 218 -3.59 -16.76 -7.96
N GLU A 219 -3.06 -16.71 -6.74
CA GLU A 219 -3.87 -16.96 -5.56
C GLU A 219 -4.52 -15.61 -5.22
N GLU A 220 -5.76 -15.63 -4.76
CA GLU A 220 -6.42 -14.38 -4.41
C GLU A 220 -5.91 -13.89 -3.06
N LEU A 221 -5.60 -12.59 -2.99
CA LEU A 221 -5.11 -12.01 -1.75
C LEU A 221 -6.30 -11.47 -0.96
N THR A 222 -6.38 -11.86 0.31
CA THR A 222 -7.46 -11.42 1.16
C THR A 222 -6.93 -10.89 2.49
N VAL A 223 -7.69 -9.99 3.08
N VAL A 223 -7.69 -9.99 3.09
CA VAL A 223 -7.33 -9.38 4.36
CA VAL A 223 -7.33 -9.41 4.37
C VAL A 223 -8.58 -9.35 5.25
C VAL A 223 -8.57 -9.39 5.24
N ALA A 224 -8.38 -9.41 6.56
CA ALA A 224 -9.51 -9.36 7.49
C ALA A 224 -9.79 -7.86 7.63
N TYR A 225 -10.99 -7.42 7.28
CA TYR A 225 -11.32 -6.00 7.36
C TYR A 225 -11.30 -5.48 8.79
N GLY A 226 -11.45 -6.38 9.74
CA GLY A 226 -11.41 -6.02 11.15
C GLY A 226 -12.45 -5.05 11.67
N TYR A 227 -13.68 -5.18 11.23
CA TYR A 227 -14.76 -4.30 11.69
C TYR A 227 -15.10 -4.64 13.14
N ASP A 228 -15.64 -3.66 13.86
CA ASP A 228 -15.99 -3.86 15.28
C ASP A 228 -17.16 -4.82 15.46
N HIS A 229 -16.87 -5.99 16.04
CA HIS A 229 -17.90 -7.01 16.28
C HIS A 229 -18.70 -6.75 17.54
N SER A 230 -18.06 -6.12 18.53
CA SER A 230 -18.73 -5.81 19.79
C SER A 230 -18.48 -4.35 20.17
N PRO A 231 -19.02 -3.41 19.37
CA PRO A 231 -18.85 -1.97 19.60
C PRO A 231 -19.54 -1.48 20.87
N PRO A 232 -18.78 -0.87 21.79
CA PRO A 232 -19.30 -0.34 23.05
C PRO A 232 -20.27 0.82 22.85
N GLY A 233 -21.53 0.62 23.25
CA GLY A 233 -22.52 1.66 23.11
C GLY A 233 -23.72 1.20 22.30
N LYS A 234 -23.64 -0.01 21.75
CA LYS A 234 -24.73 -0.57 20.96
C LYS A 234 -24.45 -2.03 20.63
N SER A 235 -25.32 -2.92 21.09
CA SER A 235 -25.18 -4.35 20.84
C SER A 235 -25.45 -4.67 19.38
N GLY A 236 -24.49 -4.34 18.52
CA GLY A 236 -24.64 -4.62 17.10
C GLY A 236 -23.34 -4.41 16.34
N PRO A 237 -22.75 -5.48 15.78
CA PRO A 237 -21.50 -5.37 15.03
C PRO A 237 -21.59 -4.27 13.97
N GLU A 238 -20.78 -3.23 14.13
CA GLU A 238 -20.78 -2.12 13.19
C GLU A 238 -20.09 -2.54 11.90
N ALA A 239 -20.89 -2.95 10.91
CA ALA A 239 -20.34 -3.40 9.64
C ALA A 239 -21.44 -3.53 8.59
N PRO A 240 -21.06 -3.54 7.30
CA PRO A 240 -22.03 -3.68 6.21
C PRO A 240 -22.77 -5.00 6.31
N GLU A 241 -23.92 -5.08 5.64
CA GLU A 241 -24.74 -6.29 5.65
C GLU A 241 -24.00 -7.53 5.17
N TRP A 242 -23.31 -7.42 4.03
CA TRP A 242 -22.59 -8.57 3.49
C TRP A 242 -21.57 -9.14 4.48
N TYR A 243 -21.04 -8.27 5.33
CA TYR A 243 -20.05 -8.67 6.33
C TYR A 243 -20.72 -9.43 7.46
N GLN A 244 -21.82 -8.88 7.96
CA GLN A 244 -22.56 -9.50 9.05
C GLN A 244 -23.04 -10.87 8.62
N VAL A 245 -23.44 -10.99 7.36
CA VAL A 245 -23.91 -12.26 6.81
C VAL A 245 -22.78 -13.27 6.81
N GLU A 246 -21.64 -12.90 6.24
CA GLU A 246 -20.50 -13.81 6.19
C GLU A 246 -19.98 -14.13 7.58
N LEU A 247 -20.13 -13.19 8.52
CA LEU A 247 -19.66 -13.40 9.89
C LEU A 247 -20.46 -14.53 10.53
N LYS A 248 -21.79 -14.46 10.37
CA LYS A 248 -22.66 -15.48 10.94
C LYS A 248 -22.38 -16.84 10.31
N ALA A 249 -22.22 -16.85 8.99
CA ALA A 249 -21.94 -18.07 8.26
C ALA A 249 -20.61 -18.68 8.74
N PHE A 250 -19.67 -17.83 9.12
CA PHE A 250 -18.37 -18.29 9.58
C PHE A 250 -18.44 -18.82 11.00
N GLN A 251 -19.03 -18.03 11.90
CA GLN A 251 -19.16 -18.43 13.31
C GLN A 251 -19.98 -19.71 13.44
N ALA A 252 -20.68 -20.07 12.38
CA ALA A 252 -21.48 -21.28 12.37
C ALA A 252 -20.79 -22.36 11.54
N THR A 253 -20.00 -21.94 10.56
CA THR A 253 -19.27 -22.86 9.70
C THR A 253 -18.54 -23.90 10.53
N GLN A 254 -17.61 -23.45 11.36
CA GLN A 254 -16.84 -24.34 12.21
C GLN A 254 -16.46 -23.63 13.51
N THR B 1 -20.33 1.02 16.03
CA THR B 1 -21.26 2.13 16.43
C THR B 1 -20.61 3.45 16.02
N PRO B 2 -19.27 3.54 16.08
CA PRO B 2 -18.68 4.81 15.67
C PRO B 2 -17.71 4.60 14.52
N ARG B 3 -16.71 3.74 14.72
CA ARG B 3 -15.70 3.44 13.70
C ARG B 3 -16.36 2.74 12.51
N ARG B 4 -16.12 3.27 11.31
CA ARG B 4 -16.67 2.72 10.08
C ARG B 4 -15.57 2.62 9.03
N SER B 5 -14.43 2.07 9.45
CA SER B 5 -13.28 1.90 8.58
C SER B 5 -12.59 0.59 8.94
N SER B 7 -9.59 -2.27 9.77
CA SER B 7 -8.54 -2.48 10.80
C SER B 7 -9.01 -2.48 12.24
N ALA B 8 -8.85 -3.61 12.91
CA ALA B 8 -9.24 -3.75 14.31
C ALA B 8 -7.98 -3.81 15.19
#